data_1WKR
#
_entry.id   1WKR
#
_cell.length_a   37.270
_cell.length_b   78.898
_cell.length_c   54.072
_cell.angle_alpha   90.00
_cell.angle_beta   96.71
_cell.angle_gamma   90.00
#
_symmetry.space_group_name_H-M   'P 1 21 1'
#
loop_
_entity.id
_entity.type
_entity.pdbx_description
1 polymer Polyporopepsin
2 polymer pepstatin
3 non-polymer 'SULFATE ION'
4 water water
#
loop_
_entity_poly.entity_id
_entity_poly.type
_entity_poly.pdbx_seq_one_letter_code
_entity_poly.pdbx_strand_id
1 'polypeptide(L)'
;AAGSVPATNQLVDYVVNVGVGSPATTYSLLVDTGSSNTWLGADKSYVKTSTSSATSDKVSVTYGSGSFSGTEYTDTVTLG
SLTIPKQSIGVASRDSGFDGVDGILGVGPVDLTVGTLSPHTSTSIPTVTDNLFSQGTIPTNLLAVSFEPTTSESSTNGEL
TFGATDSSKYTGSITYTPITSTSPASAYWGINQSIRYGSSTSILSSTAGIVDTGTTLTLIASDAFAKYKKATGAVADNNT
GLLRLTTAQYANLQSLFFTIGGQTFELTANAQIWPRNLNTAIGGSASSVYLIVGDLGSDSGEGLDFINGLTFLERFYSVY
DTTNKRLGLATTSFTTATSN
;
A
2 'polypeptide(L)' (IVA)VV(STA)A(STA) I
#
loop_
_chem_comp.id
_chem_comp.type
_chem_comp.name
_chem_comp.formula
IVA non-polymer 'ISOVALERIC ACID' 'C5 H10 O2'
SO4 non-polymer 'SULFATE ION' 'O4 S -2'
STA peptide-like STATINE 'C8 H17 N O3'
#
# COMPACT_ATOMS: atom_id res chain seq x y z
N ALA A 1 0.78 -9.81 -23.07
CA ALA A 1 -0.61 -10.01 -22.45
C ALA A 1 -0.51 -9.53 -21.00
N ALA A 2 -1.70 -9.47 -20.36
CA ALA A 2 -1.68 -9.24 -18.86
C ALA A 2 -0.90 -10.34 -18.22
N GLY A 3 -0.36 -10.05 -17.02
CA GLY A 3 0.38 -11.08 -16.28
C GLY A 3 0.34 -10.75 -14.81
N SER A 4 0.50 -11.79 -14.01
CA SER A 4 0.45 -11.70 -12.51
C SER A 4 1.77 -12.04 -11.94
N VAL A 5 1.99 -11.66 -10.67
CA VAL A 5 3.12 -12.06 -9.84
C VAL A 5 2.64 -12.35 -8.45
N PRO A 6 3.03 -13.39 -7.78
CA PRO A 6 2.63 -13.63 -6.35
C PRO A 6 3.28 -12.59 -5.48
N ALA A 7 2.63 -12.34 -4.35
CA ALA A 7 3.15 -11.37 -3.36
C ALA A 7 3.05 -12.01 -1.97
N THR A 8 4.02 -11.66 -1.15
CA THR A 8 4.18 -12.26 0.15
C THR A 8 3.89 -11.25 1.27
N ASN A 9 3.00 -11.67 2.18
CA ASN A 9 2.59 -10.88 3.32
C ASN A 9 3.65 -10.95 4.37
N GLN A 10 4.29 -9.85 4.71
CA GLN A 10 5.30 -9.74 5.77
C GLN A 10 4.73 -8.96 6.97
N LEU A 11 3.41 -8.95 7.12
CA LEU A 11 2.67 -8.41 8.26
C LEU A 11 2.59 -6.91 8.22
N VAL A 12 3.72 -6.23 8.07
CA VAL A 12 3.74 -4.75 7.97
C VAL A 12 3.73 -4.28 6.54
N ASP A 13 4.09 -5.16 5.60
CA ASP A 13 4.14 -4.81 4.17
C ASP A 13 3.96 -6.07 3.37
N TYR A 14 3.77 -5.92 2.06
CA TYR A 14 3.87 -7.03 1.12
C TYR A 14 5.08 -6.80 0.21
N VAL A 15 5.71 -7.92 -0.19
CA VAL A 15 6.80 -7.87 -1.15
C VAL A 15 6.51 -8.75 -2.31
N VAL A 16 7.20 -8.44 -3.43
CA VAL A 16 7.23 -9.29 -4.61
C VAL A 16 8.69 -9.46 -5.00
N ASN A 17 8.99 -10.64 -5.57
CA ASN A 17 10.27 -10.88 -6.23
C ASN A 17 10.31 -10.18 -7.53
N VAL A 18 11.43 -9.46 -7.76
CA VAL A 18 11.64 -8.66 -8.95
C VAL A 18 13.02 -8.98 -9.49
N GLY A 19 13.13 -9.40 -10.72
CA GLY A 19 14.48 -9.57 -11.33
C GLY A 19 14.97 -8.30 -11.91
N VAL A 20 16.27 -8.04 -11.76
CA VAL A 20 16.92 -6.89 -12.34
C VAL A 20 18.22 -7.35 -13.00
N GLY A 21 18.35 -6.98 -14.24
CA GLY A 21 19.60 -7.32 -15.05
C GLY A 21 19.34 -8.52 -15.97
N SER A 22 20.43 -8.77 -16.67
CA SER A 22 20.55 -9.98 -17.55
C SER A 22 21.97 -10.46 -17.52
N PRO A 23 22.21 -11.53 -16.83
CA PRO A 23 21.28 -12.43 -16.15
C PRO A 23 20.68 -11.66 -14.89
N ALA A 24 19.49 -12.05 -14.57
CA ALA A 24 18.70 -11.31 -13.51
C ALA A 24 19.13 -11.79 -12.10
N THR A 25 19.31 -10.79 -11.25
CA THR A 25 19.39 -11.04 -9.81
C THR A 25 18.00 -10.74 -9.24
N THR A 26 17.54 -11.56 -8.30
CA THR A 26 16.27 -11.30 -7.66
C THR A 26 16.38 -10.45 -6.43
N TYR A 27 15.48 -9.45 -6.32
CA TYR A 27 15.39 -8.57 -5.19
C TYR A 27 13.96 -8.68 -4.66
N SER A 28 13.78 -8.52 -3.33
CA SER A 28 12.41 -8.58 -2.75
C SER A 28 11.99 -7.14 -2.49
N LEU A 29 11.07 -6.62 -3.32
CA LEU A 29 10.69 -5.23 -3.28
C LEU A 29 9.33 -5.06 -2.67
N LEU A 30 9.21 -4.00 -1.84
CA LEU A 30 7.98 -3.70 -1.11
C LEU A 30 6.95 -3.10 -2.08
N VAL A 31 5.76 -3.67 -2.09
CA VAL A 31 4.69 -3.21 -3.00
C VAL A 31 4.09 -1.92 -2.48
N ASP A 32 4.32 -0.80 -3.20
CA ASP A 32 3.88 0.51 -2.69
C ASP A 32 3.08 1.30 -3.70
N THR A 33 1.77 1.39 -3.50
CA THR A 33 0.92 2.31 -4.26
C THR A 33 0.98 3.71 -3.71
N GLY A 34 1.72 3.96 -2.61
CA GLY A 34 1.87 5.29 -2.05
C GLY A 34 3.13 6.01 -2.46
N SER A 35 3.93 5.43 -3.34
CA SER A 35 5.12 6.10 -3.91
C SER A 35 5.34 5.49 -5.27
N SER A 36 6.25 6.11 -6.05
CA SER A 36 6.30 5.82 -7.47
C SER A 36 7.68 5.62 -7.99
N ASN A 37 8.67 5.53 -7.11
CA ASN A 37 10.06 5.25 -7.51
C ASN A 37 10.35 3.81 -7.19
N THR A 38 10.77 3.05 -8.21
CA THR A 38 11.23 1.65 -8.01
C THR A 38 12.71 1.69 -7.70
N TRP A 39 13.13 1.13 -6.58
CA TRP A 39 14.56 1.19 -6.21
C TRP A 39 14.93 0.00 -5.43
N LEU A 40 16.25 -0.23 -5.38
CA LEU A 40 16.83 -1.35 -4.66
C LEU A 40 18.14 -0.88 -4.00
N GLY A 41 18.72 -1.75 -3.18
CA GLY A 41 20.02 -1.43 -2.54
C GLY A 41 19.87 -1.37 -1.06
N ALA A 42 18.71 -1.57 -0.44
CA ALA A 42 18.59 -1.62 1.02
C ALA A 42 19.15 -2.84 1.61
N ASP A 43 19.40 -3.88 0.87
CA ASP A 43 19.98 -5.17 1.40
C ASP A 43 20.99 -5.64 0.39
N LYS A 44 20.60 -6.48 -0.55
CA LYS A 44 21.55 -6.98 -1.60
C LYS A 44 22.13 -5.79 -2.35
N SER A 45 23.44 -5.86 -2.69
CA SER A 45 24.09 -4.90 -3.54
C SER A 45 23.46 -5.03 -4.97
N TYR A 46 23.48 -3.88 -5.63
CA TYR A 46 23.06 -3.84 -7.05
C TYR A 46 24.08 -4.61 -7.89
N VAL A 47 23.62 -5.65 -8.54
CA VAL A 47 24.50 -6.47 -9.45
C VAL A 47 24.37 -5.88 -10.82
N LYS A 48 25.43 -5.29 -11.36
CA LYS A 48 25.42 -4.58 -12.63
C LYS A 48 25.76 -5.54 -13.75
N THR A 49 24.87 -5.66 -14.73
CA THR A 49 25.05 -6.51 -15.88
C THR A 49 24.99 -5.65 -17.09
N SER A 50 25.00 -6.33 -18.30
CA SER A 50 25.10 -5.55 -19.49
C SER A 50 23.89 -4.68 -19.84
N THR A 51 22.74 -4.98 -19.15
CA THR A 51 21.53 -4.18 -19.39
C THR A 51 21.48 -2.93 -18.42
N SER A 52 22.39 -2.84 -17.50
CA SER A 52 22.48 -1.64 -16.60
C SER A 52 23.06 -0.46 -17.39
N SER A 53 22.52 0.69 -17.27
CA SER A 53 23.08 1.91 -17.86
C SER A 53 22.93 3.04 -16.93
N ALA A 54 23.97 3.85 -16.87
CA ALA A 54 23.93 5.05 -16.09
C ALA A 54 23.13 6.10 -16.64
N THR A 55 22.50 6.97 -15.61
CA THR A 55 21.89 8.17 -16.07
C THR A 55 22.66 9.39 -15.50
N SER A 56 22.14 10.60 -15.88
CA SER A 56 22.82 11.80 -15.36
C SER A 56 22.34 12.24 -14.00
N ASP A 57 21.43 11.45 -13.35
CA ASP A 57 20.72 11.91 -12.14
C ASP A 57 21.03 11.11 -10.93
N LYS A 58 21.03 11.82 -9.80
CA LYS A 58 20.84 11.22 -8.45
C LYS A 58 19.32 11.22 -8.18
N VAL A 59 18.97 10.45 -7.13
CA VAL A 59 17.57 10.27 -6.79
C VAL A 59 17.42 10.26 -5.28
N SER A 60 16.29 10.81 -4.82
CA SER A 60 16.00 10.92 -3.35
C SER A 60 14.48 10.90 -3.20
N VAL A 61 14.08 10.09 -2.19
CA VAL A 61 12.66 10.05 -1.80
C VAL A 61 12.56 10.08 -0.27
N THR A 62 11.62 10.91 0.21
CA THR A 62 11.30 10.95 1.63
C THR A 62 9.91 10.33 1.87
N TYR A 63 9.84 9.44 2.79
CA TYR A 63 8.54 8.73 3.13
C TYR A 63 8.10 9.10 4.52
N GLY A 64 6.90 8.70 4.89
CA GLY A 64 6.41 8.89 6.27
C GLY A 64 7.31 8.21 7.23
N SER A 65 7.73 7.01 7.05
CA SER A 65 8.53 6.27 8.04
C SER A 65 9.97 5.97 7.65
N GLY A 66 10.45 6.66 6.58
CA GLY A 66 11.85 6.45 6.15
C GLY A 66 12.20 7.29 4.96
N SER A 67 13.30 6.85 4.32
CA SER A 67 13.85 7.68 3.23
C SER A 67 14.89 6.84 2.52
N PHE A 68 15.24 7.27 1.29
CA PHE A 68 16.44 6.74 0.62
C PHE A 68 16.99 7.82 -0.30
N SER A 69 18.26 7.67 -0.62
CA SER A 69 18.85 8.47 -1.71
C SER A 69 19.93 7.60 -2.35
N GLY A 70 20.22 8.00 -3.60
CA GLY A 70 21.25 7.27 -4.37
C GLY A 70 21.35 7.81 -5.77
N THR A 71 21.53 6.85 -6.68
CA THR A 71 21.79 7.20 -8.12
C THR A 71 20.74 6.44 -8.96
N GLU A 72 20.28 7.13 -10.00
CA GLU A 72 19.28 6.53 -10.93
C GLU A 72 19.97 5.81 -12.05
N TYR A 73 19.54 4.65 -12.42
CA TYR A 73 20.01 3.82 -13.54
C TYR A 73 18.85 3.45 -14.40
N THR A 74 19.09 2.90 -15.61
CA THR A 74 18.12 2.10 -16.31
C THR A 74 18.56 0.67 -16.32
N ASP A 75 17.65 -0.26 -16.36
CA ASP A 75 17.98 -1.67 -16.36
C ASP A 75 16.75 -2.49 -16.79
N THR A 76 16.93 -3.75 -17.07
CA THR A 76 15.82 -4.65 -17.42
C THR A 76 15.24 -5.17 -16.14
N VAL A 77 13.93 -5.01 -15.97
CA VAL A 77 13.19 -5.47 -14.77
C VAL A 77 12.22 -6.53 -15.15
N THR A 78 12.17 -7.60 -14.39
CA THR A 78 11.24 -8.74 -14.65
C THR A 78 10.30 -8.91 -13.50
N LEU A 79 9.02 -8.98 -13.84
CA LEU A 79 7.92 -9.15 -12.90
C LEU A 79 7.14 -10.39 -13.40
N GLY A 80 7.34 -11.49 -12.71
CA GLY A 80 6.72 -12.79 -13.21
C GLY A 80 7.18 -13.03 -14.57
N SER A 81 6.34 -13.16 -15.57
CA SER A 81 6.63 -13.38 -16.99
C SER A 81 6.72 -12.19 -17.80
N LEU A 82 6.65 -10.99 -17.17
CA LEU A 82 6.70 -9.69 -17.87
C LEU A 82 8.08 -9.13 -17.75
N THR A 83 8.55 -8.52 -18.82
CA THR A 83 9.93 -7.90 -18.85
C THR A 83 9.83 -6.51 -19.30
N ILE A 84 10.54 -5.59 -18.65
CA ILE A 84 10.59 -4.20 -18.98
C ILE A 84 12.01 -3.83 -19.29
N PRO A 85 12.42 -3.70 -20.53
CA PRO A 85 13.79 -3.24 -20.84
C PRO A 85 13.82 -1.65 -20.49
N LYS A 86 14.83 -1.20 -19.97
CA LYS A 86 15.08 0.14 -19.76
C LYS A 86 14.15 0.83 -18.75
N GLN A 87 13.72 0.06 -17.78
CA GLN A 87 13.05 0.68 -16.61
C GLN A 87 14.02 1.56 -15.84
N SER A 88 13.63 2.78 -15.54
CA SER A 88 14.47 3.65 -14.69
C SER A 88 14.23 3.20 -13.23
N ILE A 89 15.31 2.93 -12.53
CA ILE A 89 15.31 2.50 -11.12
C ILE A 89 16.27 3.32 -10.32
N GLY A 90 16.02 3.46 -9.04
CA GLY A 90 16.99 3.99 -8.09
C GLY A 90 17.80 2.90 -7.44
N VAL A 91 19.04 3.28 -7.09
CA VAL A 91 19.96 2.39 -6.38
C VAL A 91 20.47 3.17 -5.15
N ALA A 92 20.06 2.69 -4.01
CA ALA A 92 20.30 3.50 -2.77
C ALA A 92 21.74 3.38 -2.29
N SER A 93 22.30 4.51 -1.96
CA SER A 93 23.59 4.56 -1.11
C SER A 93 23.25 4.91 0.31
N ARG A 94 22.07 5.46 0.55
CA ARG A 94 21.57 5.73 1.93
C ARG A 94 20.14 5.18 1.99
N ASP A 95 19.77 4.57 3.11
CA ASP A 95 18.31 4.22 3.29
C ASP A 95 18.04 4.03 4.78
N SER A 96 16.84 4.37 5.17
CA SER A 96 16.32 4.16 6.56
C SER A 96 14.85 3.74 6.45
N GLY A 97 14.48 2.80 7.30
CA GLY A 97 13.06 2.38 7.39
C GLY A 97 12.71 1.11 6.59
N PHE A 98 13.71 0.44 6.01
CA PHE A 98 13.51 -0.67 5.04
C PHE A 98 13.95 -2.01 5.52
N ASP A 99 13.97 -2.21 6.85
CA ASP A 99 14.23 -3.59 7.33
C ASP A 99 13.26 -4.57 6.67
N GLY A 100 13.86 -5.72 6.26
CA GLY A 100 13.04 -6.80 5.71
C GLY A 100 12.84 -6.77 4.18
N VAL A 101 13.36 -5.69 3.50
CA VAL A 101 13.18 -5.57 2.04
C VAL A 101 14.46 -5.03 1.39
N ASP A 102 14.52 -5.25 0.05
CA ASP A 102 15.57 -4.68 -0.78
C ASP A 102 15.34 -3.26 -1.25
N GLY A 103 14.06 -2.80 -1.18
CA GLY A 103 13.69 -1.53 -1.74
C GLY A 103 12.17 -1.57 -2.00
N ILE A 104 11.74 -0.72 -2.96
CA ILE A 104 10.31 -0.51 -3.23
C ILE A 104 10.01 -0.78 -4.71
N LEU A 105 8.87 -1.40 -4.94
CA LEU A 105 8.23 -1.44 -6.27
C LEU A 105 7.22 -0.27 -6.31
N GLY A 106 7.56 0.79 -7.06
CA GLY A 106 6.79 2.04 -7.00
C GLY A 106 5.67 2.02 -8.01
N VAL A 107 4.47 1.77 -7.51
CA VAL A 107 3.25 1.64 -8.37
C VAL A 107 2.20 2.72 -8.06
N GLY A 108 2.62 3.76 -7.35
CA GLY A 108 1.88 5.02 -7.26
C GLY A 108 1.85 5.69 -8.61
N PRO A 109 1.11 6.79 -8.72
CA PRO A 109 1.03 7.55 -9.99
C PRO A 109 2.36 8.23 -10.28
N VAL A 110 2.67 8.31 -11.59
CA VAL A 110 4.00 8.85 -11.98
C VAL A 110 4.22 10.25 -11.49
N ASP A 111 3.20 11.06 -11.25
CA ASP A 111 3.43 12.44 -10.81
C ASP A 111 4.22 12.53 -9.54
N LEU A 112 4.26 11.52 -8.68
CA LEU A 112 5.02 11.55 -7.43
C LEU A 112 6.52 11.57 -7.68
N THR A 113 6.92 11.07 -8.87
CA THR A 113 8.39 11.04 -9.21
C THR A 113 8.97 12.40 -9.52
N VAL A 114 8.13 13.37 -9.86
CA VAL A 114 8.64 14.72 -10.27
C VAL A 114 9.23 15.35 -9.02
N GLY A 115 10.48 15.73 -9.08
CA GLY A 115 11.20 16.28 -7.92
C GLY A 115 12.14 15.33 -7.30
N THR A 116 12.08 14.03 -7.63
CA THR A 116 12.95 13.05 -7.02
C THR A 116 14.36 12.99 -7.66
N LEU A 117 14.46 13.43 -8.89
CA LEU A 117 15.78 13.39 -9.59
C LEU A 117 16.48 14.79 -9.39
N SER A 118 17.82 14.65 -9.37
CA SER A 118 18.65 15.89 -9.33
C SER A 118 19.83 15.61 -10.30
N PRO A 119 20.12 16.54 -11.22
CA PRO A 119 19.61 17.93 -11.27
C PRO A 119 18.34 18.09 -12.00
N HIS A 120 17.67 17.01 -12.56
CA HIS A 120 16.50 17.20 -13.40
C HIS A 120 15.23 17.16 -12.50
N THR A 121 14.98 18.25 -11.81
CA THR A 121 13.95 18.27 -10.74
C THR A 121 12.60 18.35 -11.34
N SER A 122 12.38 18.60 -12.55
CA SER A 122 11.07 18.57 -13.11
C SER A 122 10.73 17.35 -13.94
N THR A 123 11.66 16.41 -13.98
CA THR A 123 11.53 15.26 -14.88
C THR A 123 10.83 14.06 -14.12
N SER A 124 9.89 13.49 -14.84
CA SER A 124 9.15 12.32 -14.30
C SER A 124 9.86 11.03 -14.65
N ILE A 125 9.54 9.95 -13.94
CA ILE A 125 10.16 8.62 -14.08
C ILE A 125 9.03 7.64 -14.33
N PRO A 126 8.68 7.31 -15.59
CA PRO A 126 7.62 6.34 -15.90
C PRO A 126 7.73 5.11 -15.01
N THR A 127 6.58 4.67 -14.48
CA THR A 127 6.59 3.56 -13.54
C THR A 127 6.59 2.25 -14.23
N VAL A 128 6.79 1.18 -13.48
CA VAL A 128 6.72 -0.15 -14.08
C VAL A 128 5.43 -0.36 -14.80
N THR A 129 4.29 0.08 -14.24
CA THR A 129 3.00 -0.13 -14.88
C THR A 129 2.91 0.69 -16.19
N ASP A 130 3.34 1.96 -16.14
CA ASP A 130 3.36 2.79 -17.33
C ASP A 130 4.20 2.18 -18.45
N ASN A 131 5.38 1.65 -18.12
CA ASN A 131 6.23 1.06 -19.13
C ASN A 131 5.69 -0.22 -19.69
N LEU A 132 5.15 -1.11 -18.86
CA LEU A 132 4.49 -2.32 -19.34
C LEU A 132 3.40 -1.94 -20.36
N PHE A 133 2.66 -0.88 -20.12
CA PHE A 133 1.63 -0.49 -21.06
C PHE A 133 2.20 0.18 -22.27
N SER A 134 3.12 1.13 -22.17
CA SER A 134 3.58 1.87 -23.38
C SER A 134 4.42 0.95 -24.25
N GLN A 135 5.04 -0.06 -23.75
CA GLN A 135 5.80 -0.98 -24.58
C GLN A 135 4.90 -2.02 -25.22
N GLY A 136 3.63 -2.02 -24.93
CA GLY A 136 2.68 -2.90 -25.65
C GLY A 136 2.47 -4.17 -24.97
N THR A 137 3.03 -4.46 -23.77
CA THR A 137 2.95 -5.77 -23.12
C THR A 137 1.56 -5.99 -22.47
N ILE A 138 1.01 -5.05 -21.77
CA ILE A 138 -0.29 -5.25 -21.08
C ILE A 138 -1.36 -4.47 -21.80
N PRO A 139 -2.58 -4.91 -21.81
CA PRO A 139 -3.56 -4.35 -22.76
C PRO A 139 -4.21 -3.03 -22.29
N THR A 140 -4.12 -2.71 -21.00
CA THR A 140 -4.61 -1.38 -20.48
C THR A 140 -3.71 -1.05 -19.30
N ASN A 141 -3.67 0.23 -18.97
CA ASN A 141 -2.70 0.71 -17.99
C ASN A 141 -3.32 0.67 -16.62
N LEU A 142 -3.15 -0.51 -15.96
CA LEU A 142 -3.86 -0.85 -14.74
C LEU A 142 -3.05 -1.85 -13.97
N LEU A 143 -3.21 -1.79 -12.62
CA LEU A 143 -2.68 -2.76 -11.69
C LEU A 143 -3.80 -3.15 -10.76
N ALA A 144 -3.98 -4.44 -10.47
CA ALA A 144 -4.98 -4.91 -9.51
C ALA A 144 -4.28 -5.72 -8.46
N VAL A 145 -4.60 -5.50 -7.18
CA VAL A 145 -3.86 -6.07 -6.05
C VAL A 145 -4.79 -6.87 -5.19
N SER A 146 -4.36 -8.12 -4.91
CA SER A 146 -4.99 -9.01 -3.95
C SER A 146 -4.10 -9.19 -2.74
N PHE A 147 -4.57 -8.73 -1.58
CA PHE A 147 -4.00 -9.08 -0.27
C PHE A 147 -5.01 -9.94 0.48
N GLU A 148 -4.53 -10.68 1.48
CA GLU A 148 -5.38 -11.54 2.28
C GLU A 148 -4.92 -11.51 3.71
N PRO A 149 -5.81 -11.78 4.68
CA PRO A 149 -5.34 -11.87 6.08
C PRO A 149 -4.33 -13.00 6.23
N THR A 150 -3.57 -12.90 7.31
CA THR A 150 -2.52 -13.89 7.55
C THR A 150 -2.51 -14.36 9.03
N THR A 151 -2.02 -15.58 9.20
CA THR A 151 -1.72 -16.13 10.58
C THR A 151 -0.34 -16.69 10.49
N SER A 152 0.49 -16.34 9.58
CA SER A 152 1.95 -16.78 9.58
C SER A 152 2.75 -15.63 9.46
N GLU A 153 4.12 -15.83 9.77
CA GLU A 153 5.00 -14.60 9.69
C GLU A 153 5.23 -14.21 8.31
N SER A 154 5.21 -15.12 7.28
CA SER A 154 5.52 -14.78 5.93
C SER A 154 4.68 -15.73 5.07
N SER A 155 3.61 -15.29 4.47
CA SER A 155 2.70 -16.09 3.70
C SER A 155 2.56 -15.55 2.32
N THR A 156 2.86 -16.33 1.32
CA THR A 156 2.71 -15.90 -0.06
C THR A 156 1.25 -16.10 -0.45
N ASN A 157 0.44 -15.14 -0.06
CA ASN A 157 -1.03 -15.27 -0.20
C ASN A 157 -1.61 -14.12 -1.02
N GLY A 158 -0.76 -13.34 -1.68
CA GLY A 158 -1.20 -12.14 -2.44
C GLY A 158 -0.87 -12.24 -3.89
N GLU A 159 -1.32 -11.25 -4.65
CA GLU A 159 -1.11 -11.25 -6.12
C GLU A 159 -1.15 -9.84 -6.62
N LEU A 160 -0.26 -9.52 -7.53
CA LEU A 160 -0.36 -8.31 -8.42
C LEU A 160 -0.72 -8.76 -9.78
N THR A 161 -1.66 -8.11 -10.43
CA THR A 161 -1.99 -8.41 -11.84
C THR A 161 -1.86 -7.10 -12.60
N PHE A 162 -1.00 -7.10 -13.60
CA PHE A 162 -0.78 -5.94 -14.46
C PHE A 162 -1.61 -6.12 -15.75
N GLY A 163 -2.49 -5.17 -15.98
CA GLY A 163 -3.22 -5.12 -17.25
C GLY A 163 -4.60 -5.76 -17.21
N ALA A 164 -5.01 -6.32 -16.07
CA ALA A 164 -6.32 -6.99 -15.96
C ALA A 164 -6.63 -7.17 -14.49
N THR A 165 -7.86 -7.52 -14.20
CA THR A 165 -8.29 -7.99 -12.90
C THR A 165 -8.37 -9.48 -12.87
N ASP A 166 -8.36 -10.12 -11.74
CA ASP A 166 -8.41 -11.54 -11.52
C ASP A 166 -9.63 -11.84 -10.66
N SER A 167 -10.70 -12.34 -11.32
CA SER A 167 -11.99 -12.56 -10.66
C SER A 167 -11.96 -13.66 -9.60
N SER A 168 -10.88 -14.42 -9.54
CA SER A 168 -10.72 -15.38 -8.48
C SER A 168 -10.35 -14.74 -7.14
N LYS A 169 -10.03 -13.43 -7.19
CA LYS A 169 -9.57 -12.67 -6.02
C LYS A 169 -10.63 -11.74 -5.49
N TYR A 170 -11.85 -11.71 -6.02
CA TYR A 170 -12.86 -10.88 -5.42
C TYR A 170 -14.23 -11.50 -5.55
N THR A 171 -15.15 -11.09 -4.71
CA THR A 171 -16.56 -11.50 -4.76
C THR A 171 -17.41 -10.30 -5.13
N GLY A 172 -18.63 -10.58 -5.59
CA GLY A 172 -19.53 -9.54 -6.11
C GLY A 172 -18.85 -8.81 -7.28
N SER A 173 -19.16 -7.51 -7.35
CA SER A 173 -18.63 -6.68 -8.46
C SER A 173 -17.76 -5.57 -7.93
N ILE A 174 -16.99 -4.98 -8.81
CA ILE A 174 -16.03 -3.88 -8.46
C ILE A 174 -16.76 -2.55 -8.53
N THR A 175 -16.63 -1.72 -7.50
CA THR A 175 -17.13 -0.34 -7.49
C THR A 175 -16.00 0.56 -7.80
N TYR A 176 -16.14 1.49 -8.77
CA TYR A 176 -15.10 2.45 -9.11
C TYR A 176 -15.47 3.84 -8.63
N THR A 177 -14.48 4.64 -8.37
CA THR A 177 -14.61 6.04 -8.00
C THR A 177 -13.47 6.78 -8.67
N PRO A 178 -13.74 8.01 -9.18
CA PRO A 178 -12.65 8.76 -9.82
C PRO A 178 -11.58 9.15 -8.86
N ILE A 179 -10.33 9.31 -9.32
CA ILE A 179 -9.36 9.91 -8.47
C ILE A 179 -9.85 11.26 -8.01
N THR A 180 -9.71 11.58 -6.74
CA THR A 180 -10.24 12.84 -6.18
C THR A 180 -9.55 14.04 -6.84
N SER A 181 -10.37 15.10 -6.90
CA SER A 181 -9.86 16.39 -7.37
C SER A 181 -9.15 17.14 -6.28
N THR A 182 -9.22 16.72 -5.05
CA THR A 182 -8.67 17.43 -3.89
C THR A 182 -7.24 17.14 -3.72
N SER A 183 -6.37 18.13 -3.62
CA SER A 183 -4.98 18.02 -3.39
C SER A 183 -4.61 18.05 -1.90
N PRO A 184 -3.61 17.41 -1.40
CA PRO A 184 -2.63 16.61 -2.19
C PRO A 184 -3.02 15.14 -2.40
N ALA A 185 -4.15 14.65 -1.89
CA ALA A 185 -4.53 13.25 -2.16
C ALA A 185 -4.57 12.93 -3.62
N SER A 186 -4.90 13.92 -4.48
CA SER A 186 -4.98 13.73 -5.92
C SER A 186 -3.66 13.32 -6.57
N ALA A 187 -2.54 13.51 -5.92
CA ALA A 187 -1.23 13.11 -6.50
C ALA A 187 -1.01 11.63 -6.36
N TYR A 188 -1.72 10.96 -5.40
CA TYR A 188 -1.59 9.54 -5.09
C TYR A 188 -2.74 8.82 -5.69
N TRP A 189 -2.98 7.56 -5.25
CA TRP A 189 -4.25 6.87 -5.59
C TRP A 189 -5.26 7.39 -4.59
N GLY A 190 -5.71 8.63 -4.86
CA GLY A 190 -6.57 9.39 -3.90
C GLY A 190 -7.99 9.28 -4.24
N ILE A 191 -8.81 9.09 -3.22
CA ILE A 191 -10.25 8.96 -3.37
C ILE A 191 -10.94 9.81 -2.30
N ASN A 192 -12.24 10.02 -2.50
CA ASN A 192 -13.10 10.55 -1.48
C ASN A 192 -13.85 9.43 -0.77
N GLN A 193 -13.98 9.51 0.56
CA GLN A 193 -14.79 8.52 1.27
C GLN A 193 -15.29 9.14 2.56
N SER A 194 -16.25 8.48 3.21
CA SER A 194 -16.59 8.73 4.57
C SER A 194 -16.49 7.44 5.36
N ILE A 195 -16.45 7.56 6.69
CA ILE A 195 -16.36 6.43 7.59
C ILE A 195 -17.35 6.62 8.73
N ARG A 196 -18.10 5.59 9.03
CA ARG A 196 -18.96 5.57 10.24
C ARG A 196 -18.68 4.33 11.00
N TYR A 197 -18.99 4.35 12.30
CA TYR A 197 -18.80 3.21 13.22
C TYR A 197 -20.19 2.73 13.61
N GLY A 198 -20.49 1.47 13.38
CA GLY A 198 -21.84 0.95 13.67
C GLY A 198 -22.84 1.67 12.83
N SER A 199 -24.08 1.77 13.36
CA SER A 199 -25.18 2.35 12.60
C SER A 199 -25.29 3.83 12.74
N SER A 200 -24.71 4.44 13.79
CA SER A 200 -25.13 5.79 14.20
C SER A 200 -24.01 6.68 14.61
N THR A 201 -22.74 6.37 14.37
CA THR A 201 -21.59 7.16 14.89
C THR A 201 -20.73 7.59 13.77
N SER A 202 -20.69 8.87 13.42
CA SER A 202 -19.76 9.33 12.39
C SER A 202 -18.33 9.29 12.91
N ILE A 203 -17.42 8.85 12.14
CA ILE A 203 -15.98 8.84 12.44
C ILE A 203 -15.25 9.89 11.59
N LEU A 204 -15.41 9.84 10.27
CA LEU A 204 -14.76 10.74 9.35
C LEU A 204 -15.78 11.19 8.35
N SER A 205 -16.11 12.45 8.29
CA SER A 205 -17.02 12.97 7.30
C SER A 205 -16.39 12.93 5.90
N SER A 206 -17.17 12.91 4.89
CA SER A 206 -16.70 12.80 3.49
C SER A 206 -15.55 13.70 3.27
N THR A 207 -14.44 13.13 2.79
CA THR A 207 -13.18 13.88 2.61
C THR A 207 -12.23 13.07 1.73
N ALA A 208 -11.08 13.66 1.44
CA ALA A 208 -10.10 13.04 0.56
C ALA A 208 -9.01 12.33 1.35
N GLY A 209 -8.44 11.28 0.75
CA GLY A 209 -7.34 10.50 1.33
C GLY A 209 -6.85 9.52 0.31
N ILE A 210 -6.02 8.59 0.70
CA ILE A 210 -5.38 7.71 -0.28
C ILE A 210 -5.47 6.25 0.07
N VAL A 211 -5.28 5.42 -0.93
CA VAL A 211 -5.25 3.94 -0.80
C VAL A 211 -3.83 3.51 -1.01
N ASP A 212 -3.22 2.92 0.00
CA ASP A 212 -1.76 2.75 0.01
C ASP A 212 -1.42 1.36 0.55
N THR A 213 -0.95 0.49 -0.34
CA THR A 213 -0.47 -0.82 0.04
C THR A 213 0.73 -0.76 0.98
N GLY A 214 1.52 0.34 0.91
CA GLY A 214 2.76 0.51 1.68
C GLY A 214 2.59 1.29 2.95
N THR A 215 1.34 1.50 3.40
CA THR A 215 1.09 1.94 4.80
C THR A 215 0.46 0.75 5.50
N THR A 216 0.99 0.36 6.65
CA THR A 216 0.49 -0.83 7.34
C THR A 216 -0.93 -0.62 7.84
N LEU A 217 -1.11 0.40 8.66
CA LEU A 217 -2.34 0.63 9.39
C LEU A 217 -3.40 1.31 8.51
N THR A 218 -4.63 1.28 9.00
CA THR A 218 -5.70 2.05 8.42
C THR A 218 -5.71 3.37 9.17
N LEU A 219 -5.12 4.40 8.62
CA LEU A 219 -4.90 5.64 9.34
C LEU A 219 -5.98 6.64 9.05
N ILE A 220 -6.41 7.33 10.09
CA ILE A 220 -7.46 8.37 9.96
C ILE A 220 -7.05 9.63 10.67
N ALA A 221 -7.54 10.75 10.16
CA ALA A 221 -7.21 12.06 10.74
C ALA A 221 -7.40 12.09 12.25
N SER A 222 -6.62 12.91 12.92
CA SER A 222 -6.59 12.87 14.39
C SER A 222 -7.89 13.10 15.06
N ASP A 223 -8.72 14.01 14.54
CA ASP A 223 -10.02 14.21 15.10
C ASP A 223 -10.94 13.03 14.92
N ALA A 224 -10.80 12.27 13.79
CA ALA A 224 -11.54 11.04 13.58
C ALA A 224 -11.01 9.92 14.46
N PHE A 225 -9.69 9.87 14.67
CA PHE A 225 -9.12 8.88 15.59
C PHE A 225 -9.61 9.08 16.97
N ALA A 226 -9.77 10.34 17.47
CA ALA A 226 -10.37 10.55 18.80
C ALA A 226 -11.74 10.04 18.86
N LYS A 227 -12.55 10.23 17.80
CA LYS A 227 -13.96 9.71 17.79
C LYS A 227 -13.95 8.19 17.84
N TYR A 228 -13.01 7.56 17.12
CA TYR A 228 -12.93 6.08 17.10
C TYR A 228 -12.52 5.54 18.47
N LYS A 229 -11.53 6.17 19.10
CA LYS A 229 -11.14 5.73 20.45
C LYS A 229 -12.30 5.89 21.38
N LYS A 230 -13.09 6.95 21.34
CA LYS A 230 -14.24 7.11 22.22
C LYS A 230 -15.23 6.05 21.93
N ALA A 231 -15.56 5.76 20.67
CA ALA A 231 -16.67 4.87 20.29
C ALA A 231 -16.30 3.43 20.67
N THR A 232 -15.06 3.03 20.60
CA THR A 232 -14.67 1.63 20.87
C THR A 232 -14.29 1.42 22.31
N GLY A 233 -13.99 2.46 23.06
CA GLY A 233 -13.45 2.32 24.40
C GLY A 233 -11.97 2.05 24.41
N ALA A 234 -11.27 2.07 23.26
CA ALA A 234 -9.90 1.74 23.24
C ALA A 234 -8.98 2.70 23.99
N VAL A 235 -7.88 2.19 24.46
CA VAL A 235 -6.85 3.03 25.16
C VAL A 235 -5.55 2.78 24.47
N ALA A 236 -4.60 3.73 24.63
CA ALA A 236 -3.24 3.56 24.15
C ALA A 236 -2.53 2.49 24.82
N ASP A 237 -1.66 1.75 24.14
CA ASP A 237 -0.86 0.71 24.68
C ASP A 237 0.70 0.95 24.51
N ASN A 238 1.49 0.77 25.64
CA ASN A 238 2.97 0.98 25.58
C ASN A 238 3.57 0.07 24.70
N ASN A 239 3.56 -1.22 24.91
CA ASN A 239 4.44 -2.24 24.44
C ASN A 239 4.24 -2.25 22.84
N THR A 240 3.04 -1.81 22.27
CA THR A 240 2.78 -1.95 20.82
C THR A 240 2.75 -0.69 20.04
N GLY A 241 2.37 0.43 20.59
CA GLY A 241 2.02 1.56 19.81
C GLY A 241 0.70 1.50 19.05
N LEU A 242 -0.10 0.46 19.44
CA LEU A 242 -1.50 0.29 18.87
C LEU A 242 -2.49 0.56 19.93
N LEU A 243 -3.71 0.86 19.60
CA LEU A 243 -4.81 0.89 20.58
C LEU A 243 -5.07 -0.52 21.06
N ARG A 244 -5.55 -0.66 22.29
CA ARG A 244 -5.90 -1.95 22.87
C ARG A 244 -7.34 -1.91 23.37
N LEU A 245 -8.01 -3.08 23.21
CA LEU A 245 -9.35 -3.29 23.76
C LEU A 245 -9.25 -4.45 24.80
N THR A 246 -10.16 -4.32 25.80
CA THR A 246 -10.41 -5.48 26.67
C THR A 246 -11.21 -6.54 25.93
N THR A 247 -11.31 -7.70 26.59
CA THR A 247 -12.13 -8.78 26.06
C THR A 247 -13.57 -8.31 25.83
N ALA A 248 -14.17 -7.65 26.77
CA ALA A 248 -15.51 -7.20 26.60
C ALA A 248 -15.65 -6.20 25.49
N GLN A 249 -14.68 -5.24 25.40
CA GLN A 249 -14.78 -4.22 24.37
C GLN A 249 -14.60 -4.85 22.95
N TYR A 250 -13.79 -5.88 22.82
CA TYR A 250 -13.71 -6.57 21.52
C TYR A 250 -15.02 -7.26 21.19
N ALA A 251 -15.62 -7.90 22.22
CA ALA A 251 -16.92 -8.56 21.98
C ALA A 251 -17.97 -7.58 21.47
N ASN A 252 -17.91 -6.32 21.94
CA ASN A 252 -18.81 -5.25 21.56
C ASN A 252 -18.37 -4.42 20.40
N LEU A 253 -17.21 -4.70 19.82
CA LEU A 253 -16.68 -3.91 18.69
C LEU A 253 -17.57 -4.03 17.47
N GLN A 254 -17.99 -2.89 16.94
CA GLN A 254 -18.82 -2.86 15.72
C GLN A 254 -17.96 -2.67 14.48
N SER A 255 -18.57 -2.92 13.31
CA SER A 255 -17.91 -2.65 12.04
C SER A 255 -17.67 -1.18 11.81
N LEU A 256 -16.65 -0.87 11.05
CA LEU A 256 -16.51 0.42 10.40
C LEU A 256 -17.06 0.32 8.98
N PHE A 257 -17.88 1.27 8.61
CA PHE A 257 -18.51 1.27 7.28
C PHE A 257 -17.92 2.39 6.47
N PHE A 258 -17.28 2.07 5.38
CA PHE A 258 -16.63 3.07 4.49
C PHE A 258 -17.59 3.25 3.31
N THR A 259 -17.93 4.49 3.02
CA THR A 259 -18.76 4.80 1.83
C THR A 259 -17.83 5.31 0.77
N ILE A 260 -17.76 4.52 -0.33
CA ILE A 260 -16.83 4.81 -1.47
C ILE A 260 -17.58 4.53 -2.74
N GLY A 261 -17.63 5.51 -3.65
CA GLY A 261 -18.28 5.29 -4.94
C GLY A 261 -19.77 4.99 -4.81
N GLY A 262 -20.41 5.45 -3.74
CA GLY A 262 -21.84 5.21 -3.55
C GLY A 262 -22.12 3.86 -2.93
N GLN A 263 -21.13 3.06 -2.57
CA GLN A 263 -21.32 1.74 -1.99
C GLN A 263 -20.73 1.69 -0.58
N THR A 264 -21.27 0.83 0.22
CA THR A 264 -20.77 0.56 1.58
C THR A 264 -19.80 -0.59 1.57
N PHE A 265 -18.63 -0.41 2.16
CA PHE A 265 -17.62 -1.46 2.41
C PHE A 265 -17.50 -1.65 3.89
N GLU A 266 -17.66 -2.85 4.40
CA GLU A 266 -17.73 -3.13 5.82
C GLU A 266 -16.44 -3.74 6.33
N LEU A 267 -15.68 -2.97 7.10
CA LEU A 267 -14.46 -3.46 7.77
C LEU A 267 -14.90 -3.99 9.15
N THR A 268 -14.94 -5.31 9.25
CA THR A 268 -15.58 -5.93 10.45
C THR A 268 -14.71 -5.78 11.67
N ALA A 269 -15.29 -6.13 12.83
CA ALA A 269 -14.53 -6.13 14.07
C ALA A 269 -13.25 -6.92 13.94
N ASN A 270 -13.30 -8.12 13.38
CA ASN A 270 -12.08 -8.91 13.31
C ASN A 270 -11.03 -8.25 12.37
N ALA A 271 -11.53 -7.61 11.30
CA ALA A 271 -10.62 -6.91 10.37
C ALA A 271 -9.95 -5.73 11.02
N GLN A 272 -10.49 -5.20 12.13
CA GLN A 272 -9.92 -4.03 12.82
C GLN A 272 -8.83 -4.37 13.78
N ILE A 273 -8.51 -5.67 13.94
CA ILE A 273 -7.50 -6.09 14.95
C ILE A 273 -6.30 -6.71 14.27
N TRP A 274 -5.12 -6.60 14.94
CA TRP A 274 -3.91 -7.26 14.51
C TRP A 274 -4.05 -8.78 14.69
N PRO A 275 -3.53 -9.60 13.84
CA PRO A 275 -3.65 -11.08 14.03
C PRO A 275 -3.06 -11.50 15.37
N ARG A 276 -3.95 -12.00 16.26
CA ARG A 276 -3.54 -12.19 17.64
C ARG A 276 -2.48 -13.29 17.83
N ASN A 277 -2.41 -14.24 16.95
CA ASN A 277 -1.34 -15.26 17.07
C ASN A 277 -0.06 -14.69 16.74
N LEU A 278 0.05 -13.48 16.16
CA LEU A 278 1.24 -12.73 15.79
C LEU A 278 1.43 -11.51 16.60
N ASN A 279 0.78 -11.41 17.79
CA ASN A 279 0.93 -10.24 18.61
C ASN A 279 2.40 -9.92 19.01
N THR A 280 3.24 -11.02 19.09
CA THR A 280 4.64 -10.73 19.51
C THR A 280 5.33 -9.96 18.41
N ALA A 281 4.89 -10.02 17.20
CA ALA A 281 5.56 -9.31 16.05
C ALA A 281 5.50 -7.83 16.27
N ILE A 282 4.52 -7.29 17.00
CA ILE A 282 4.34 -5.85 17.32
C ILE A 282 4.58 -5.51 18.78
N GLY A 283 5.15 -6.51 19.51
CA GLY A 283 5.56 -6.21 20.94
C GLY A 283 4.43 -6.46 21.93
N GLY A 284 3.35 -7.07 21.41
CA GLY A 284 2.15 -7.28 22.26
C GLY A 284 2.23 -8.70 23.02
N SER A 285 1.24 -8.78 23.79
CA SER A 285 1.18 -10.12 24.55
C SER A 285 0.10 -10.97 24.03
N ALA A 286 0.16 -12.25 24.25
CA ALA A 286 -0.78 -13.19 23.76
C ALA A 286 -2.12 -12.93 24.39
N SER A 287 -3.20 -13.39 23.69
CA SER A 287 -4.60 -13.35 24.19
C SER A 287 -4.95 -11.88 24.48
N SER A 288 -4.52 -11.00 23.69
CA SER A 288 -4.75 -9.53 23.80
C SER A 288 -5.19 -8.98 22.45
N VAL A 289 -6.04 -7.96 22.51
CA VAL A 289 -6.62 -7.37 21.26
C VAL A 289 -6.00 -5.98 20.99
N TYR A 290 -5.28 -5.85 19.87
CA TYR A 290 -4.71 -4.57 19.46
C TYR A 290 -5.33 -4.18 18.13
N LEU A 291 -5.58 -2.91 17.93
CA LEU A 291 -6.29 -2.39 16.77
C LEU A 291 -5.37 -1.88 15.72
N ILE A 292 -5.79 -2.03 14.45
CA ILE A 292 -5.00 -1.56 13.31
C ILE A 292 -5.49 -0.26 12.73
N VAL A 293 -6.49 0.35 13.34
CA VAL A 293 -6.88 1.73 13.04
C VAL A 293 -5.99 2.64 13.81
N GLY A 294 -5.26 3.52 13.15
CA GLY A 294 -4.31 4.44 13.76
C GLY A 294 -4.50 5.86 13.44
N ASP A 295 -3.71 6.71 14.04
CA ASP A 295 -3.79 8.15 13.88
C ASP A 295 -2.90 8.56 12.75
N LEU A 296 -3.44 9.24 11.72
CA LEU A 296 -2.64 9.78 10.63
C LEU A 296 -1.62 10.85 11.12
N GLY A 297 -1.95 11.53 12.22
CA GLY A 297 -1.01 12.53 12.72
C GLY A 297 -1.26 13.89 12.19
N SER A 298 -2.41 14.14 11.62
CA SER A 298 -2.88 15.43 11.09
C SER A 298 -4.38 15.50 11.20
N ASP A 299 -4.96 16.70 11.34
CA ASP A 299 -6.36 16.87 11.46
C ASP A 299 -7.02 16.84 10.08
N SER A 300 -8.30 16.52 10.07
CA SER A 300 -9.07 16.56 8.82
C SER A 300 -9.15 17.95 8.24
N GLY A 301 -9.37 18.04 6.96
CA GLY A 301 -9.42 19.34 6.21
C GLY A 301 -8.10 19.67 5.54
N GLU A 302 -7.13 18.78 5.52
CA GLU A 302 -5.86 19.07 4.86
C GLU A 302 -5.81 18.49 3.47
N GLY A 303 -6.86 17.98 2.91
CA GLY A 303 -6.85 17.41 1.57
C GLY A 303 -6.19 16.03 1.48
N LEU A 304 -5.85 15.40 2.60
CA LEU A 304 -5.32 14.01 2.64
C LEU A 304 -5.52 13.63 4.10
N ASP A 305 -6.63 12.96 4.37
CA ASP A 305 -7.15 12.85 5.74
C ASP A 305 -7.32 11.42 6.20
N PHE A 306 -6.90 10.48 5.35
CA PHE A 306 -6.89 9.07 5.71
C PHE A 306 -5.93 8.32 4.78
N ILE A 307 -5.51 7.17 5.25
CA ILE A 307 -4.76 6.20 4.40
C ILE A 307 -5.44 4.86 4.61
N ASN A 308 -6.07 4.31 3.57
CA ASN A 308 -6.57 2.93 3.60
C ASN A 308 -5.37 2.05 3.28
N GLY A 309 -4.79 1.44 4.32
CA GLY A 309 -3.53 0.71 4.20
C GLY A 309 -3.67 -0.75 4.01
N LEU A 310 -2.52 -1.44 4.14
CA LEU A 310 -2.47 -2.91 3.97
C LEU A 310 -3.52 -3.63 4.76
N THR A 311 -3.79 -3.19 6.00
CA THR A 311 -4.71 -3.88 6.87
C THR A 311 -6.14 -3.73 6.37
N PHE A 312 -6.47 -2.66 5.65
CA PHE A 312 -7.75 -2.53 4.99
C PHE A 312 -7.77 -3.41 3.74
N LEU A 313 -6.70 -3.38 2.95
CA LEU A 313 -6.65 -4.11 1.68
C LEU A 313 -6.54 -5.59 1.84
N GLU A 314 -6.18 -6.10 3.05
CA GLU A 314 -6.32 -7.52 3.32
C GLU A 314 -7.76 -8.02 3.23
N ARG A 315 -8.70 -7.09 3.28
CA ARG A 315 -10.14 -7.40 3.25
C ARG A 315 -10.83 -6.98 1.97
N PHE A 316 -10.18 -6.23 1.08
CA PHE A 316 -10.80 -5.71 -0.14
C PHE A 316 -9.86 -5.82 -1.28
N TYR A 317 -10.33 -6.26 -2.42
CA TYR A 317 -9.55 -6.29 -3.67
C TYR A 317 -9.49 -4.85 -4.21
N SER A 318 -8.34 -4.43 -4.74
CA SER A 318 -8.21 -3.01 -5.20
C SER A 318 -7.64 -2.96 -6.58
N VAL A 319 -8.17 -1.98 -7.34
CA VAL A 319 -7.83 -1.78 -8.75
C VAL A 319 -7.35 -0.33 -8.93
N TYR A 320 -6.12 -0.21 -9.45
CA TYR A 320 -5.43 1.07 -9.59
C TYR A 320 -5.38 1.32 -11.13
N ASP A 321 -6.38 2.04 -11.63
CA ASP A 321 -6.59 2.17 -13.09
C ASP A 321 -6.05 3.50 -13.57
N THR A 322 -4.85 3.45 -14.15
CA THR A 322 -4.24 4.68 -14.70
C THR A 322 -4.93 5.17 -15.95
N THR A 323 -5.27 4.24 -16.85
CA THR A 323 -5.94 4.65 -18.10
C THR A 323 -7.17 5.49 -17.81
N ASN A 324 -8.01 5.09 -16.85
CA ASN A 324 -9.26 5.77 -16.55
C ASN A 324 -9.16 6.72 -15.36
N LYS A 325 -8.00 6.82 -14.73
CA LYS A 325 -7.82 7.64 -13.55
C LYS A 325 -8.92 7.43 -12.51
N ARG A 326 -8.99 6.15 -12.07
CA ARG A 326 -10.03 5.73 -11.14
C ARG A 326 -9.45 4.62 -10.26
N LEU A 327 -10.17 4.36 -9.15
CA LEU A 327 -9.81 3.29 -8.23
C LEU A 327 -11.02 2.43 -8.01
N GLY A 328 -10.81 1.12 -8.10
CA GLY A 328 -11.88 0.16 -7.84
C GLY A 328 -11.66 -0.65 -6.58
N LEU A 329 -12.76 -1.02 -5.93
CA LEU A 329 -12.74 -1.87 -4.73
C LEU A 329 -13.82 -2.90 -4.83
N ALA A 330 -13.54 -4.07 -4.26
CA ALA A 330 -14.53 -5.19 -4.18
C ALA A 330 -14.27 -5.94 -2.91
N THR A 331 -15.33 -6.57 -2.38
CA THR A 331 -15.21 -7.59 -1.35
C THR A 331 -14.43 -8.79 -1.87
N THR A 332 -14.04 -9.64 -0.94
CA THR A 332 -13.35 -10.92 -1.25
C THR A 332 -13.95 -12.00 -0.36
N SER A 333 -13.52 -13.21 -0.62
CA SER A 333 -13.92 -14.33 0.26
C SER A 333 -13.36 -14.15 1.65
N PHE A 334 -12.43 -13.28 1.91
CA PHE A 334 -11.84 -13.07 3.25
C PHE A 334 -12.39 -11.79 3.89
N THR A 335 -13.27 -11.01 3.27
CA THR A 335 -13.73 -9.80 3.93
C THR A 335 -14.29 -10.13 5.31
N THR A 336 -15.05 -11.19 5.43
CA THR A 336 -15.68 -11.59 6.70
C THR A 336 -14.85 -12.64 7.46
N ALA A 337 -13.59 -12.81 7.20
CA ALA A 337 -12.80 -13.75 7.96
C ALA A 337 -12.73 -13.39 9.41
N THR A 338 -12.51 -14.41 10.26
CA THR A 338 -12.37 -14.21 11.72
C THR A 338 -11.05 -14.74 12.15
N SER A 339 -10.03 -14.80 11.27
CA SER A 339 -8.75 -15.45 11.62
C SER A 339 -7.85 -14.62 12.50
N ASN A 340 -8.02 -13.27 12.58
CA ASN A 340 -7.25 -12.46 13.51
C ASN A 340 -7.60 -12.76 14.96
CA IVA B 1 4.46 -0.63 10.92
CB IVA B 1 3.96 -0.24 12.31
CG1 IVA B 1 3.02 0.90 12.23
CG2 IVA B 1 3.33 -1.44 12.97
C IVA B 1 5.07 0.51 10.15
O IVA B 1 5.97 1.22 10.69
N VAL B 2 4.72 0.65 8.90
CA VAL B 2 5.42 1.59 7.96
C VAL B 2 4.38 2.52 7.35
N VAL B 3 4.87 3.63 6.81
CA VAL B 3 4.07 4.62 6.09
C VAL B 3 4.87 5.06 4.90
N STA B 4 4.52 4.50 3.69
CA STA B 4 5.39 4.65 2.49
CB STA B 4 6.12 3.35 2.21
CG STA B 4 6.97 2.81 3.37
CD1 STA B 4 8.20 3.69 3.72
CD2 STA B 4 7.42 1.40 3.05
CH STA B 4 4.56 5.11 1.32
OH STA B 4 3.47 4.16 1.14
CM STA B 4 3.92 6.50 1.48
C STA B 4 5.01 7.55 1.40
O STA B 4 5.55 8.05 2.43
N ALA B 5 5.08 8.09 0.18
CA ALA B 5 5.99 9.26 -0.04
C ALA B 5 5.25 10.53 0.29
N STA B 6 5.15 10.77 1.70
CA STA B 6 4.30 11.82 2.31
CB STA B 6 3.21 11.12 3.16
CG STA B 6 2.20 10.30 2.29
CD1 STA B 6 1.14 11.21 1.81
CD2 STA B 6 1.66 9.17 3.15
CH STA B 6 5.22 12.67 3.19
OH STA B 6 5.78 11.89 4.17
CM STA B 6 6.33 13.33 2.36
C STA B 6 5.78 14.29 1.25
O STA B 6 6.17 14.24 -0.07
OXT STA B 6 4.93 15.13 1.62
S SO4 C . -18.28 9.13 -5.78
O1 SO4 C . -17.55 8.18 -6.61
O2 SO4 C . -18.92 10.14 -6.73
O3 SO4 C . -19.39 8.56 -4.99
O4 SO4 C . -17.36 9.83 -4.84
S SO4 D . 25.65 7.85 -4.69
O1 SO4 D . 26.96 6.86 -4.87
O2 SO4 D . 24.51 7.02 -5.20
O3 SO4 D . 25.49 8.09 -3.30
O4 SO4 D . 25.76 9.03 -5.45
S SO4 E . -20.99 12.36 5.64
O1 SO4 E . -21.94 11.39 5.14
O2 SO4 E . -20.72 13.20 4.50
O3 SO4 E . -21.67 13.22 6.70
O4 SO4 E . -19.75 11.82 6.08
S SO4 F . 22.59 4.43 5.77
O1 SO4 F . 22.34 3.57 7.07
O2 SO4 F . 21.87 5.58 5.59
O3 SO4 F . 24.11 4.72 5.70
O4 SO4 F . 22.19 3.48 4.60
S SO4 G . 17.21 1.79 9.71
O1 SO4 G . 17.63 3.35 10.21
O2 SO4 G . 17.84 0.87 10.96
O3 SO4 G . 15.71 1.60 9.66
O4 SO4 G . 18.06 1.22 8.42
S SO4 H . 14.48 19.59 -15.67
O1 SO4 H . 13.99 18.30 -15.07
O2 SO4 H . 13.63 20.70 -15.37
O3 SO4 H . 16.11 19.94 -15.37
O4 SO4 H . 14.62 19.34 -17.31
S SO4 I . -19.48 -14.69 3.50
O1 SO4 I . -20.47 -14.37 2.21
O2 SO4 I . -17.91 -14.45 2.97
O3 SO4 I . -19.84 -13.70 4.70
O4 SO4 I . -19.42 -16.14 3.92
#